data_1Z0K
#
_entry.id   1Z0K
#
_cell.length_a   81.440
_cell.length_b   81.440
_cell.length_c   137.639
_cell.angle_alpha   90.00
_cell.angle_beta   90.00
_cell.angle_gamma   120.00
#
_symmetry.space_group_name_H-M   'P 31 2 1'
#
loop_
_entity.id
_entity.type
_entity.pdbx_description
1 polymer 'GTP-binding protein'
2 polymer 'FYVE-finger-containing Rab5 effector protein rabenosyn-5'
3 non-polymer 'MAGNESIUM ION'
4 non-polymer "GUANOSINE-5'-TRIPHOSPHATE"
5 non-polymer '2-(N-MORPHOLINO)-ETHANESULFONIC ACID'
6 water water
#
loop_
_entity_poly.entity_id
_entity_poly.type
_entity_poly.pdbx_seq_one_letter_code
_entity_poly.pdbx_strand_id
1 'polypeptide(L)'
;GSETYDFLFKFLVIGNAGTGKSCLLHQFIEKKFKDDSNHTIGVEFGSKIINVGGKYVKLQIWDTAGLERFRSVTRSYYRG
AAGALLVYDITSRETYNALTNWLTDARMLASQNIVIILCGNKKDLDADREVTFLEASRFAQENELMFLETSALTGEDVEE
AFVQCARKILNK
;
A,C
2 'polypeptide(L)' GPLGSAEGWLPLSGGQGQSEDSDPLLQQIHNITSFIRQAKAAGRMDEVRTLQENLRQLQDEYDQQQTEK B,D
#
# COMPACT_ATOMS: atom_id res chain seq x y z
N THR A 4 11.63 6.09 3.57
CA THR A 4 11.40 5.32 2.32
C THR A 4 10.16 5.85 1.55
N TYR A 5 8.94 5.59 2.02
CA TYR A 5 7.75 6.10 1.31
C TYR A 5 6.50 6.38 2.17
N ASP A 6 5.76 7.41 1.77
CA ASP A 6 4.53 7.85 2.44
C ASP A 6 3.28 7.32 1.75
N PHE A 7 3.40 7.05 0.44
CA PHE A 7 2.29 6.56 -0.37
C PHE A 7 2.74 5.40 -1.24
N LEU A 8 1.80 4.57 -1.67
CA LEU A 8 2.08 3.48 -2.61
C LEU A 8 1.02 3.47 -3.70
N PHE A 9 1.43 3.83 -4.91
CA PHE A 9 0.52 3.88 -6.03
C PHE A 9 0.82 2.73 -6.96
N LYS A 10 -0.22 1.98 -7.33
CA LYS A 10 -0.11 1.00 -8.38
C LYS A 10 -0.31 1.73 -9.71
N PHE A 11 0.67 1.61 -10.60
CA PHE A 11 0.61 2.24 -11.92
C PHE A 11 0.56 1.16 -13.01
N LEU A 12 -0.14 1.46 -14.09
CA LEU A 12 -0.12 0.64 -15.30
C LEU A 12 0.61 1.38 -16.42
N VAL A 13 1.24 0.63 -17.31
CA VAL A 13 1.67 1.17 -18.60
C VAL A 13 0.91 0.37 -19.65
N ILE A 14 0.05 1.06 -20.41
CA ILE A 14 -0.87 0.41 -21.36
C ILE A 14 -0.78 1.07 -22.73
N GLY A 15 -1.13 0.32 -23.76
CA GLY A 15 -1.09 0.83 -25.13
C GLY A 15 -0.69 -0.25 -26.12
N ASN A 16 -0.84 0.04 -27.40
CA ASN A 16 -0.52 -0.94 -28.45
C ASN A 16 0.88 -1.53 -28.35
N ALA A 17 1.02 -2.78 -28.79
CA ALA A 17 2.32 -3.41 -28.91
C ALA A 17 3.25 -2.53 -29.72
N GLY A 18 4.52 -2.46 -29.33
CA GLY A 18 5.52 -1.72 -30.08
C GLY A 18 5.56 -0.22 -29.83
N THR A 19 4.63 0.30 -29.02
CA THR A 19 4.59 1.73 -28.72
C THR A 19 5.77 2.22 -27.86
N GLY A 20 6.43 1.30 -27.18
CA GLY A 20 7.62 1.62 -26.39
C GLY A 20 7.40 1.60 -24.88
N LYS A 21 6.41 0.82 -24.43
CA LYS A 21 6.06 0.77 -23.01
C LYS A 21 7.18 0.25 -22.14
N SER A 22 7.82 -0.85 -22.55
CA SER A 22 8.90 -1.44 -21.78
C SER A 22 10.12 -0.54 -21.78
N CYS A 23 10.41 0.07 -22.93
CA CYS A 23 11.51 1.03 -23.01
C CYS A 23 11.31 2.26 -22.12
N LEU A 24 10.07 2.74 -22.01
CA LEU A 24 9.73 3.83 -21.09
C LEU A 24 10.00 3.44 -19.64
N LEU A 25 9.58 2.24 -19.26
CA LEU A 25 9.82 1.73 -17.88
C LEU A 25 11.31 1.60 -17.61
N HIS A 26 12.04 1.01 -18.55
CA HIS A 26 13.50 0.87 -18.42
C HIS A 26 14.22 2.21 -18.38
N GLN A 27 13.78 3.16 -19.19
CA GLN A 27 14.34 4.52 -19.16
C GLN A 27 14.09 5.18 -17.80
N PHE A 28 12.87 5.07 -17.30
CA PHE A 28 12.49 5.66 -16.00
C PHE A 28 13.36 5.14 -14.84
N ILE A 29 13.53 3.82 -14.78
CA ILE A 29 14.21 3.20 -13.65
C ILE A 29 15.72 3.13 -13.84
N GLU A 30 16.15 2.71 -15.02
CA GLU A 30 17.57 2.48 -15.27
C GLU A 30 18.27 3.61 -16.01
N LYS A 31 17.49 4.59 -16.46
CA LYS A 31 18.02 5.81 -17.11
C LYS A 31 18.90 5.46 -18.30
N LYS A 32 18.46 4.44 -19.04
CA LYS A 32 19.15 3.97 -20.23
C LYS A 32 18.10 3.50 -21.22
N PHE A 33 18.42 3.63 -22.50
CA PHE A 33 17.58 3.08 -23.56
C PHE A 33 17.91 1.61 -23.74
N LYS A 34 16.88 0.80 -23.50
CA LYS A 34 16.92 -0.66 -23.58
C LYS A 34 17.37 -1.12 -24.97
N ASP A 35 18.52 -1.81 -25.02
CA ASP A 35 19.11 -2.27 -26.28
C ASP A 35 18.45 -3.53 -26.87
N ASP A 36 18.25 -4.53 -26.00
CA ASP A 36 17.59 -5.76 -26.37
C ASP A 36 16.10 -5.63 -26.03
N SER A 37 15.29 -5.23 -27.00
CA SER A 37 13.85 -5.18 -26.78
C SER A 37 13.09 -6.12 -27.69
N ASN A 38 12.07 -6.75 -27.12
CA ASN A 38 11.20 -7.68 -27.83
C ASN A 38 9.83 -7.59 -27.19
N HIS A 39 8.80 -7.90 -27.98
CA HIS A 39 7.41 -7.87 -27.53
C HIS A 39 7.26 -8.42 -26.10
N THR A 40 6.62 -7.65 -25.24
CA THR A 40 6.44 -8.06 -23.84
C THR A 40 5.62 -9.33 -23.77
N ILE A 41 6.19 -10.25 -23.01
CA ILE A 41 5.79 -11.61 -22.99
C ILE A 41 4.85 -11.81 -21.80
N GLY A 42 4.00 -10.80 -21.60
CA GLY A 42 2.99 -10.81 -20.54
C GLY A 42 2.88 -9.44 -19.92
N VAL A 43 3.50 -9.26 -18.75
CA VAL A 43 3.46 -8.00 -18.00
C VAL A 43 4.73 -7.90 -17.16
N GLU A 44 5.55 -6.89 -17.42
CA GLU A 44 6.77 -6.61 -16.65
C GLU A 44 6.47 -5.83 -15.39
N PHE A 45 7.37 -5.95 -14.41
CA PHE A 45 7.26 -5.23 -13.14
C PHE A 45 8.45 -4.34 -12.86
N GLY A 46 8.19 -3.15 -12.34
CA GLY A 46 9.24 -2.26 -11.88
C GLY A 46 8.78 -1.52 -10.65
N SER A 47 9.72 -1.17 -9.78
CA SER A 47 9.41 -0.43 -8.60
C SER A 47 10.37 0.76 -8.48
N LYS A 48 9.84 1.95 -8.22
CA LYS A 48 10.68 3.14 -8.01
C LYS A 48 10.01 4.17 -7.12
N ILE A 49 10.79 4.78 -6.23
CA ILE A 49 10.29 5.80 -5.31
C ILE A 49 10.67 7.18 -5.84
N ILE A 50 9.68 8.06 -5.94
CA ILE A 50 9.89 9.44 -6.39
C ILE A 50 9.53 10.47 -5.31
N ASN A 51 10.19 11.63 -5.38
CA ASN A 51 9.83 12.78 -4.55
C ASN A 51 8.84 13.66 -5.29
N VAL A 52 7.60 13.69 -4.82
CA VAL A 52 6.56 14.49 -5.47
C VAL A 52 5.60 15.11 -4.43
N GLY A 53 5.11 16.31 -4.73
CA GLY A 53 4.19 17.02 -3.85
C GLY A 53 4.67 17.05 -2.41
N GLY A 54 5.97 17.26 -2.22
CA GLY A 54 6.62 17.23 -0.91
C GLY A 54 6.62 15.91 -0.16
N LYS A 55 6.47 14.80 -0.89
CA LYS A 55 6.32 13.47 -0.29
C LYS A 55 7.03 12.39 -1.12
N TYR A 56 7.33 11.25 -0.50
CA TYR A 56 7.88 10.10 -1.20
C TYR A 56 6.79 9.11 -1.59
N VAL A 57 6.71 8.83 -2.89
CA VAL A 57 5.69 7.95 -3.43
C VAL A 57 6.38 6.77 -4.10
N LYS A 58 6.11 5.57 -3.58
CA LYS A 58 6.60 4.36 -4.19
C LYS A 58 5.61 3.97 -5.27
N LEU A 59 6.14 3.80 -6.49
CA LEU A 59 5.35 3.34 -7.61
C LEU A 59 5.59 1.86 -7.84
N GLN A 60 4.50 1.11 -7.88
CA GLN A 60 4.51 -0.27 -8.27
C GLN A 60 3.97 -0.29 -9.68
N ILE A 61 4.86 -0.52 -10.63
CA ILE A 61 4.52 -0.31 -12.04
C ILE A 61 4.40 -1.64 -12.77
N TRP A 62 3.25 -1.83 -13.41
CA TRP A 62 3.00 -2.99 -14.23
C TRP A 62 2.96 -2.57 -15.69
N ASP A 63 4.01 -2.94 -16.41
CA ASP A 63 4.16 -2.67 -17.84
C ASP A 63 3.53 -3.81 -18.63
N THR A 64 2.33 -3.54 -19.16
CA THR A 64 1.50 -4.56 -19.77
C THR A 64 1.90 -4.87 -21.21
N ALA A 65 1.47 -6.01 -21.73
CA ALA A 65 1.72 -6.37 -23.13
C ALA A 65 0.61 -5.81 -24.00
N GLY A 66 0.98 -5.22 -25.13
CA GLY A 66 0.00 -4.72 -26.10
C GLY A 66 -0.50 -5.77 -27.10
N LEU A 67 0.24 -6.87 -27.23
CA LEU A 67 -0.14 -7.93 -28.19
C LEU A 67 -1.48 -8.57 -27.86
N GLU A 68 -2.26 -8.84 -28.91
CA GLU A 68 -3.63 -9.32 -28.77
C GLU A 68 -3.76 -10.60 -27.92
N ARG A 69 -2.82 -11.54 -28.06
CA ARG A 69 -2.92 -12.80 -27.31
C ARG A 69 -2.82 -12.64 -25.79
N PHE A 70 -2.33 -11.49 -25.34
CA PHE A 70 -2.18 -11.20 -23.91
C PHE A 70 -3.28 -10.29 -23.33
N ARG A 71 -4.36 -10.08 -24.10
CA ARG A 71 -5.41 -9.15 -23.68
C ARG A 71 -6.02 -9.52 -22.34
N SER A 72 -6.38 -10.80 -22.17
CA SER A 72 -6.95 -11.27 -20.92
C SER A 72 -5.98 -11.11 -19.76
N VAL A 73 -4.70 -11.39 -20.01
CA VAL A 73 -3.67 -11.33 -18.96
C VAL A 73 -3.40 -9.88 -18.54
N THR A 74 -3.27 -8.99 -19.50
CA THR A 74 -3.00 -7.57 -19.20
C THR A 74 -4.18 -6.92 -18.48
N ARG A 75 -5.40 -7.20 -18.94
CA ARG A 75 -6.62 -6.65 -18.37
C ARG A 75 -6.79 -7.00 -16.91
N SER A 76 -6.31 -8.18 -16.53
CA SER A 76 -6.40 -8.67 -15.15
C SER A 76 -5.55 -7.84 -14.17
N TYR A 77 -4.63 -7.02 -14.71
CA TYR A 77 -3.81 -6.13 -13.89
C TYR A 77 -4.47 -4.78 -13.59
N TYR A 78 -5.56 -4.45 -14.28
CA TYR A 78 -6.14 -3.10 -14.21
C TYR A 78 -6.70 -2.75 -12.84
N ARG A 79 -7.49 -3.66 -12.26
CA ARG A 79 -8.16 -3.39 -10.98
C ARG A 79 -7.14 -3.01 -9.91
N GLY A 80 -7.41 -1.94 -9.19
CA GLY A 80 -6.52 -1.47 -8.13
C GLY A 80 -5.53 -0.39 -8.56
N ALA A 81 -5.36 -0.20 -9.87
CA ALA A 81 -4.43 0.81 -10.37
C ALA A 81 -4.98 2.21 -10.10
N ALA A 82 -4.14 3.04 -9.48
CA ALA A 82 -4.47 4.43 -9.22
C ALA A 82 -4.12 5.34 -10.40
N GLY A 83 -3.12 4.93 -11.18
CA GLY A 83 -2.64 5.73 -12.30
C GLY A 83 -2.23 4.88 -13.49
N ALA A 84 -2.25 5.47 -14.68
CA ALA A 84 -1.77 4.80 -15.88
C ALA A 84 -1.06 5.76 -16.82
N LEU A 85 0.02 5.27 -17.44
CA LEU A 85 0.60 5.92 -18.61
C LEU A 85 -0.02 5.21 -19.80
N LEU A 86 -0.85 5.94 -20.53
CA LEU A 86 -1.49 5.44 -21.75
C LEU A 86 -0.64 5.88 -22.94
N VAL A 87 -0.02 4.90 -23.61
CA VAL A 87 1.04 5.17 -24.56
C VAL A 87 0.62 4.89 -26.01
N TYR A 88 0.98 5.81 -26.89
CA TYR A 88 0.89 5.57 -28.33
C TYR A 88 2.25 5.93 -28.91
N ASP A 89 2.44 5.59 -30.18
CA ASP A 89 3.68 5.85 -30.89
C ASP A 89 3.37 7.01 -31.85
N ILE A 90 4.09 8.13 -31.75
CA ILE A 90 3.76 9.31 -32.58
C ILE A 90 4.01 9.05 -34.07
N THR A 91 4.76 7.99 -34.37
CA THR A 91 5.06 7.58 -35.75
C THR A 91 4.04 6.56 -36.29
N SER A 92 3.10 6.14 -35.47
CA SER A 92 2.15 5.10 -35.89
C SER A 92 0.70 5.45 -35.61
N ARG A 93 0.02 5.99 -36.63
CA ARG A 93 -1.38 6.39 -36.54
C ARG A 93 -2.30 5.32 -35.93
N GLU A 94 -2.09 4.04 -36.26
CA GLU A 94 -2.91 2.95 -35.72
C GLU A 94 -2.84 2.87 -34.19
N THR A 95 -1.66 3.13 -33.64
CA THR A 95 -1.50 3.11 -32.17
C THR A 95 -2.30 4.23 -31.51
N TYR A 96 -2.36 5.38 -32.17
CA TYR A 96 -3.16 6.53 -31.73
C TYR A 96 -4.65 6.27 -31.88
N ASN A 97 -5.03 5.64 -32.99
CA ASN A 97 -6.43 5.27 -33.23
C ASN A 97 -7.01 4.33 -32.17
N ALA A 98 -6.13 3.50 -31.58
CA ALA A 98 -6.54 2.50 -30.60
C ALA A 98 -6.76 3.04 -29.18
N LEU A 99 -6.49 4.33 -28.98
CA LEU A 99 -6.52 4.95 -27.65
C LEU A 99 -7.87 4.95 -26.96
N THR A 100 -8.95 5.10 -27.72
CA THR A 100 -10.31 5.08 -27.17
C THR A 100 -10.66 3.73 -26.53
N ASN A 101 -10.29 2.65 -27.19
CA ASN A 101 -10.52 1.30 -26.67
C ASN A 101 -9.68 0.99 -25.43
N TRP A 102 -8.41 1.41 -25.43
CA TRP A 102 -7.54 1.30 -24.25
C TRP A 102 -8.11 2.08 -23.08
N LEU A 103 -8.48 3.33 -23.35
CA LEU A 103 -9.02 4.26 -22.36
C LEU A 103 -10.33 3.79 -21.73
N THR A 104 -11.27 3.34 -22.57
CA THR A 104 -12.55 2.79 -22.11
C THR A 104 -12.33 1.61 -21.18
N ASP A 105 -11.53 0.64 -21.64
CA ASP A 105 -11.26 -0.57 -20.88
C ASP A 105 -10.54 -0.29 -19.55
N ALA A 106 -9.62 0.66 -19.56
CA ALA A 106 -8.90 1.06 -18.34
C ALA A 106 -9.82 1.66 -17.28
N ARG A 107 -10.65 2.61 -17.69
CA ARG A 107 -11.60 3.27 -16.80
C ARG A 107 -12.71 2.33 -16.32
N MET A 108 -13.03 1.33 -17.15
CA MET A 108 -14.02 0.33 -16.79
C MET A 108 -13.47 -0.66 -15.76
N LEU A 109 -12.29 -1.21 -16.03
CA LEU A 109 -11.70 -2.28 -15.21
C LEU A 109 -10.95 -1.78 -13.97
N ALA A 110 -10.40 -0.58 -14.05
CA ALA A 110 -9.92 0.15 -12.88
C ALA A 110 -10.99 1.22 -12.61
N SER A 111 -10.88 1.94 -11.51
CA SER A 111 -11.91 2.94 -11.21
C SER A 111 -12.06 3.99 -12.33
N GLN A 112 -13.24 4.60 -12.43
CA GLN A 112 -13.42 5.80 -13.24
C GLN A 112 -12.48 6.90 -12.69
N ASN A 113 -11.94 6.66 -11.50
CA ASN A 113 -11.05 7.60 -10.83
C ASN A 113 -9.60 7.53 -11.33
N ILE A 114 -9.25 6.48 -12.07
CA ILE A 114 -7.86 6.28 -12.51
C ILE A 114 -7.35 7.54 -13.20
N VAL A 115 -6.18 7.98 -12.77
CA VAL A 115 -5.54 9.19 -13.27
C VAL A 115 -4.60 8.78 -14.40
N ILE A 116 -4.85 9.33 -15.59
CA ILE A 116 -4.17 8.87 -16.80
C ILE A 116 -3.38 9.99 -17.44
N ILE A 117 -2.12 9.70 -17.74
CA ILE A 117 -1.32 10.59 -18.54
C ILE A 117 -1.09 9.95 -19.92
N LEU A 118 -1.54 10.66 -20.95
CA LEU A 118 -1.30 10.25 -22.32
C LEU A 118 0.15 10.53 -22.66
N CYS A 119 0.81 9.52 -23.21
CA CYS A 119 2.20 9.62 -23.62
C CYS A 119 2.34 9.36 -25.11
N GLY A 120 2.77 10.39 -25.83
CA GLY A 120 3.07 10.27 -27.26
C GLY A 120 4.54 9.94 -27.40
N ASN A 121 4.84 8.66 -27.45
CA ASN A 121 6.20 8.21 -27.37
C ASN A 121 6.93 8.19 -28.72
N LYS A 122 8.25 8.06 -28.65
CA LYS A 122 9.18 8.08 -29.80
C LYS A 122 9.22 9.45 -30.48
N LYS A 123 9.11 10.51 -29.68
CA LYS A 123 9.11 11.87 -30.24
C LYS A 123 10.47 12.24 -30.84
N ASP A 124 11.49 11.43 -30.57
CA ASP A 124 12.81 11.62 -31.15
C ASP A 124 12.81 11.29 -32.65
N LEU A 125 11.76 10.60 -33.11
CA LEU A 125 11.60 10.21 -34.51
C LEU A 125 10.62 11.15 -35.20
N ASP A 126 10.88 12.46 -35.06
CA ASP A 126 9.93 13.47 -35.52
C ASP A 126 9.70 13.45 -37.04
N ALA A 127 10.74 13.09 -37.80
CA ALA A 127 10.62 12.94 -39.26
C ALA A 127 9.52 11.95 -39.63
N ASP A 128 9.33 10.95 -38.77
CA ASP A 128 8.39 9.86 -39.00
C ASP A 128 7.01 10.11 -38.37
N ARG A 129 6.82 11.30 -37.82
CA ARG A 129 5.59 11.67 -37.12
C ARG A 129 4.33 11.45 -37.94
N GLU A 130 3.35 10.76 -37.38
CA GLU A 130 2.03 10.55 -38.00
C GLU A 130 0.90 11.13 -37.16
N VAL A 131 1.23 11.60 -35.97
CA VAL A 131 0.25 12.21 -35.07
C VAL A 131 0.81 13.55 -34.64
N THR A 132 0.08 14.63 -34.91
CA THR A 132 0.56 15.96 -34.55
C THR A 132 0.33 16.18 -33.05
N PHE A 133 1.19 16.99 -32.46
CA PHE A 133 1.04 17.35 -31.05
C PHE A 133 -0.32 17.98 -30.78
N LEU A 134 -0.75 18.89 -31.66
CA LEU A 134 -1.99 19.64 -31.43
C LEU A 134 -3.25 18.77 -31.44
N GLU A 135 -3.30 17.77 -32.32
CA GLU A 135 -4.47 16.88 -32.39
C GLU A 135 -4.51 15.94 -31.18
N ALA A 136 -3.33 15.51 -30.74
CA ALA A 136 -3.21 14.67 -29.54
C ALA A 136 -3.55 15.45 -28.29
N SER A 137 -3.14 16.72 -28.22
CA SER A 137 -3.51 17.62 -27.11
C SER A 137 -5.02 17.77 -27.00
N ARG A 138 -5.67 17.90 -28.16
CA ARG A 138 -7.12 18.01 -28.27
C ARG A 138 -7.78 16.74 -27.76
N PHE A 139 -7.32 15.57 -28.22
CA PHE A 139 -7.85 14.28 -27.76
C PHE A 139 -7.72 14.14 -26.24
N ALA A 140 -6.57 14.56 -25.70
CA ALA A 140 -6.31 14.52 -24.27
C ALA A 140 -7.27 15.44 -23.52
N GLN A 141 -7.39 16.69 -23.97
CA GLN A 141 -8.30 17.68 -23.38
C GLN A 141 -9.72 17.15 -23.28
N GLU A 142 -10.19 16.55 -24.38
CA GLU A 142 -11.56 16.05 -24.50
C GLU A 142 -11.85 14.84 -23.62
N ASN A 143 -10.82 14.06 -23.32
CA ASN A 143 -10.97 12.82 -22.58
C ASN A 143 -10.45 12.88 -21.14
N GLU A 144 -10.18 14.11 -20.69
CA GLU A 144 -9.65 14.43 -19.36
C GLU A 144 -8.33 13.72 -19.06
N LEU A 145 -7.38 13.84 -19.99
CA LEU A 145 -6.08 13.22 -19.85
C LEU A 145 -4.99 14.25 -19.74
N MET A 146 -4.00 13.98 -18.91
CA MET A 146 -2.78 14.75 -18.98
C MET A 146 -2.08 14.27 -20.25
N PHE A 147 -1.11 15.02 -20.72
CA PHE A 147 -0.50 14.70 -22.00
C PHE A 147 0.90 15.25 -22.12
N LEU A 148 1.82 14.35 -22.48
CA LEU A 148 3.19 14.68 -22.80
C LEU A 148 3.63 13.80 -23.97
N GLU A 149 4.45 14.37 -24.85
CA GLU A 149 5.19 13.57 -25.82
C GLU A 149 6.51 13.16 -25.19
N THR A 150 6.87 11.89 -25.34
CA THR A 150 8.01 11.34 -24.63
C THR A 150 9.01 10.69 -25.59
N SER A 151 10.23 10.47 -25.11
CA SER A 151 11.16 9.60 -25.80
C SER A 151 11.90 8.66 -24.83
N ALA A 152 11.63 7.37 -24.92
CA ALA A 152 12.34 6.38 -24.11
C ALA A 152 13.83 6.32 -24.54
N LEU A 153 14.10 6.73 -25.78
CA LEU A 153 15.45 6.70 -26.33
C LEU A 153 16.33 7.81 -25.76
N THR A 154 15.84 9.04 -25.79
CA THR A 154 16.59 10.17 -25.24
C THR A 154 16.29 10.43 -23.77
N GLY A 155 15.16 9.91 -23.28
CA GLY A 155 14.72 10.17 -21.92
C GLY A 155 13.83 11.40 -21.78
N GLU A 156 13.55 12.09 -22.89
CA GLU A 156 12.73 13.29 -22.84
C GLU A 156 11.33 13.05 -22.27
N ASP A 157 11.00 13.78 -21.21
CA ASP A 157 9.67 13.74 -20.56
C ASP A 157 9.29 12.42 -19.89
N VAL A 158 10.22 11.48 -19.79
CA VAL A 158 9.90 10.15 -19.26
C VAL A 158 9.68 10.19 -17.74
N GLU A 159 10.67 10.64 -16.98
CA GLU A 159 10.47 10.82 -15.54
C GLU A 159 9.26 11.74 -15.30
N GLU A 160 9.16 12.79 -16.11
CA GLU A 160 8.08 13.77 -16.01
C GLU A 160 6.67 13.16 -16.14
N ALA A 161 6.52 12.18 -17.04
CA ALA A 161 5.24 11.48 -17.19
C ALA A 161 4.79 10.81 -15.88
N PHE A 162 5.70 10.05 -15.27
CA PHE A 162 5.43 9.33 -14.03
C PHE A 162 5.17 10.31 -12.88
N VAL A 163 6.04 11.31 -12.76
CA VAL A 163 5.89 12.36 -11.73
C VAL A 163 4.55 13.10 -11.84
N GLN A 164 4.19 13.54 -13.05
CA GLN A 164 2.95 14.26 -13.26
C GLN A 164 1.72 13.45 -12.91
N CYS A 165 1.77 12.15 -13.19
CA CYS A 165 0.69 11.25 -12.85
C CYS A 165 0.52 11.16 -11.32
N ALA A 166 1.63 10.95 -10.62
CA ALA A 166 1.63 10.87 -9.17
C ALA A 166 1.13 12.16 -8.53
N ARG A 167 1.68 13.29 -8.98
CA ARG A 167 1.29 14.64 -8.57
C ARG A 167 -0.23 14.86 -8.61
N LYS A 168 -0.88 14.45 -9.70
CA LYS A 168 -2.33 14.62 -9.85
C LYS A 168 -3.15 13.70 -8.92
N ILE A 169 -2.66 12.48 -8.68
CA ILE A 169 -3.32 11.60 -7.73
C ILE A 169 -3.37 12.26 -6.36
N LEU A 170 -2.22 12.76 -5.92
CA LEU A 170 -2.08 13.41 -4.62
C LEU A 170 -2.90 14.70 -4.50
N ASN A 171 -2.79 15.58 -5.51
CA ASN A 171 -3.43 16.88 -5.44
C ASN A 171 -4.28 17.16 -6.67
N LYS A 172 -5.58 17.36 -6.45
CA LYS A 172 -6.53 17.65 -7.54
C LYS A 172 -6.41 19.09 -8.05
N GLU B 7 16.31 4.82 -5.76
CA GLU B 7 17.00 4.05 -6.84
C GLU B 7 16.27 2.73 -7.12
N GLY B 8 15.48 2.72 -8.19
CA GLY B 8 14.49 1.70 -8.45
C GLY B 8 14.98 0.30 -8.77
N TRP B 9 14.03 -0.62 -8.94
CA TRP B 9 14.34 -2.02 -9.19
C TRP B 9 13.51 -2.53 -10.37
N LEU B 10 14.16 -3.29 -11.24
CA LEU B 10 13.53 -3.78 -12.46
C LEU B 10 14.12 -5.15 -12.82
N PRO B 11 13.38 -6.23 -12.49
CA PRO B 11 13.87 -7.59 -12.70
C PRO B 11 13.94 -7.98 -14.17
N LEU B 12 14.94 -8.78 -14.51
CA LEU B 12 15.15 -9.25 -15.88
C LEU B 12 13.99 -10.16 -16.28
N SER B 13 13.45 -9.92 -17.48
CA SER B 13 12.33 -10.66 -18.01
C SER B 13 12.69 -12.12 -18.29
N GLY B 14 12.57 -12.95 -17.24
CA GLY B 14 12.95 -14.37 -17.31
C GLY B 14 14.10 -14.62 -18.28
N GLY B 15 15.26 -14.07 -17.92
CA GLY B 15 16.38 -13.87 -18.85
C GLY B 15 16.77 -15.00 -19.78
N GLN B 16 17.11 -14.63 -21.02
CA GLN B 16 17.72 -15.51 -22.04
C GLN B 16 17.33 -16.98 -21.93
N GLY B 17 16.02 -17.24 -21.90
CA GLY B 17 15.53 -18.57 -21.58
C GLY B 17 14.73 -19.27 -22.65
N GLN B 18 13.64 -19.91 -22.23
CA GLN B 18 12.78 -20.66 -23.13
C GLN B 18 12.04 -19.71 -24.04
N SER B 19 11.30 -20.28 -24.99
CA SER B 19 10.45 -19.50 -25.87
C SER B 19 9.24 -19.06 -25.06
N GLU B 20 8.41 -18.23 -25.68
CA GLU B 20 7.13 -17.83 -25.10
C GLU B 20 6.23 -19.05 -24.96
N ASP B 21 5.58 -19.17 -23.81
CA ASP B 21 4.69 -20.29 -23.54
C ASP B 21 3.47 -20.23 -24.45
N SER B 22 2.93 -21.39 -24.82
CA SER B 22 1.73 -21.43 -25.66
C SER B 22 0.53 -20.89 -24.89
N ASP B 23 0.58 -20.98 -23.56
CA ASP B 23 -0.45 -20.41 -22.70
C ASP B 23 0.02 -19.06 -22.17
N PRO B 24 -0.72 -17.98 -22.50
CA PRO B 24 -0.26 -16.63 -22.12
C PRO B 24 -0.24 -16.39 -20.61
N LEU B 25 -1.14 -17.03 -19.89
CA LEU B 25 -1.21 -16.92 -18.43
C LEU B 25 -0.07 -17.68 -17.77
N LEU B 26 0.21 -18.88 -18.25
CA LEU B 26 1.35 -19.66 -17.77
C LEU B 26 2.64 -18.93 -18.05
N GLN B 27 2.72 -18.27 -19.21
CA GLN B 27 3.82 -17.38 -19.52
C GLN B 27 3.96 -16.27 -18.47
N GLN B 28 2.85 -15.62 -18.12
CA GLN B 28 2.90 -14.57 -17.10
C GLN B 28 3.32 -15.12 -15.74
N ILE B 29 2.84 -16.33 -15.42
CA ILE B 29 3.24 -17.03 -14.19
C ILE B 29 4.76 -17.31 -14.14
N HIS B 30 5.30 -17.77 -15.26
CA HIS B 30 6.77 -17.92 -15.39
C HIS B 30 7.48 -16.59 -15.14
N ASN B 31 6.92 -15.49 -15.67
CA ASN B 31 7.52 -14.17 -15.50
C ASN B 31 7.59 -13.79 -14.02
N ILE B 32 6.46 -13.90 -13.33
CA ILE B 32 6.38 -13.51 -11.92
C ILE B 32 7.27 -14.39 -11.06
N THR B 33 7.29 -15.69 -11.36
CA THR B 33 8.16 -16.63 -10.67
C THR B 33 9.62 -16.22 -10.77
N SER B 34 10.02 -15.80 -11.97
CA SER B 34 11.36 -15.27 -12.20
C SER B 34 11.62 -13.98 -11.42
N PHE B 35 10.65 -13.05 -11.43
CA PHE B 35 10.80 -11.80 -10.69
C PHE B 35 10.94 -12.06 -9.17
N ILE B 36 10.17 -13.01 -8.66
CA ILE B 36 10.21 -13.39 -7.23
C ILE B 36 11.59 -13.92 -6.83
N ARG B 37 12.15 -14.78 -7.67
CA ARG B 37 13.50 -15.32 -7.48
C ARG B 37 14.53 -14.19 -7.39
N GLN B 38 14.40 -13.19 -8.27
CA GLN B 38 15.30 -12.04 -8.27
C GLN B 38 15.05 -11.11 -7.08
N ALA B 39 13.79 -10.89 -6.72
CA ALA B 39 13.48 -10.06 -5.56
C ALA B 39 14.01 -10.69 -4.27
N LYS B 40 13.80 -12.01 -4.12
CA LYS B 40 14.32 -12.77 -2.98
C LYS B 40 15.84 -12.64 -2.90
N ALA B 41 16.48 -12.82 -4.05
CA ALA B 41 17.94 -12.77 -4.16
C ALA B 41 18.50 -11.39 -3.83
N ALA B 42 17.73 -10.35 -4.12
CA ALA B 42 18.12 -8.98 -3.81
C ALA B 42 17.69 -8.53 -2.41
N GLY B 43 17.03 -9.42 -1.66
CA GLY B 43 16.56 -9.11 -0.30
C GLY B 43 15.49 -8.03 -0.22
N ARG B 44 14.75 -7.88 -1.31
CA ARG B 44 13.68 -6.89 -1.41
C ARG B 44 12.34 -7.50 -1.01
N MET B 45 12.12 -7.62 0.29
CA MET B 45 10.95 -8.33 0.83
C MET B 45 9.62 -7.70 0.48
N ASP B 46 9.59 -6.37 0.34
CA ASP B 46 8.38 -5.68 -0.10
C ASP B 46 7.96 -6.18 -1.49
N GLU B 47 8.92 -6.25 -2.40
CA GLU B 47 8.69 -6.70 -3.77
C GLU B 47 8.37 -8.19 -3.85
N VAL B 48 9.08 -9.00 -3.04
CA VAL B 48 8.76 -10.43 -2.88
C VAL B 48 7.30 -10.58 -2.49
N ARG B 49 6.87 -9.82 -1.48
CA ARG B 49 5.47 -9.91 -1.01
C ARG B 49 4.48 -9.46 -2.08
N THR B 50 4.78 -8.34 -2.75
CA THR B 50 3.92 -7.82 -3.83
C THR B 50 3.79 -8.84 -4.96
N LEU B 51 4.92 -9.42 -5.35
CA LEU B 51 4.94 -10.35 -6.48
C LEU B 51 4.31 -11.68 -6.11
N GLN B 52 4.49 -12.11 -4.87
CA GLN B 52 3.91 -13.36 -4.40
C GLN B 52 2.40 -13.25 -4.33
N GLU B 53 1.92 -12.07 -3.93
CA GLU B 53 0.49 -11.78 -3.96
C GLU B 53 -0.04 -11.82 -5.39
N ASN B 54 0.73 -11.25 -6.32
CA ASN B 54 0.32 -11.30 -7.72
C ASN B 54 0.30 -12.74 -8.26
N LEU B 55 1.36 -13.49 -7.94
CA LEU B 55 1.47 -14.90 -8.32
C LEU B 55 0.28 -15.71 -7.82
N ARG B 56 -0.09 -15.46 -6.56
CA ARG B 56 -1.23 -16.14 -5.96
C ARG B 56 -2.50 -15.89 -6.80
N GLN B 57 -2.72 -14.64 -7.17
CA GLN B 57 -3.89 -14.29 -7.98
C GLN B 57 -3.85 -14.92 -9.39
N LEU B 58 -2.67 -14.95 -10.01
CA LEU B 58 -2.51 -15.54 -11.32
C LEU B 58 -2.82 -17.05 -11.33
N GLN B 59 -2.31 -17.75 -10.32
CA GLN B 59 -2.52 -19.19 -10.22
C GLN B 59 -3.99 -19.54 -9.95
N ASP B 60 -4.66 -18.71 -9.14
CA ASP B 60 -6.10 -18.85 -8.88
C ASP B 60 -6.89 -18.71 -10.18
N GLU B 61 -6.58 -17.65 -10.92
CA GLU B 61 -7.22 -17.38 -12.21
C GLU B 61 -6.95 -18.49 -13.23
N TYR B 62 -5.74 -19.06 -13.20
CA TYR B 62 -5.41 -20.18 -14.08
C TYR B 62 -6.27 -21.41 -13.80
N ASP B 63 -6.38 -21.78 -12.53
CA ASP B 63 -7.23 -22.90 -12.10
C ASP B 63 -8.69 -22.74 -12.53
N GLN B 64 -9.24 -21.54 -12.31
CA GLN B 64 -10.60 -21.22 -12.69
C GLN B 64 -10.86 -21.35 -14.20
N GLN B 65 -9.85 -21.01 -15.02
CA GLN B 65 -9.92 -21.17 -16.47
C GLN B 65 -10.04 -22.64 -16.89
N GLN B 66 -9.47 -23.52 -16.07
CA GLN B 66 -9.56 -24.96 -16.25
C GLN B 66 -10.86 -25.52 -15.65
N THR B 67 -11.98 -25.16 -16.26
CA THR B 67 -13.30 -25.62 -15.81
C THR B 67 -14.27 -25.72 -16.99
N TYR C 5 17.32 -4.13 21.89
CA TYR C 5 16.89 -3.21 20.80
C TYR C 5 17.71 -1.93 20.81
N ASP C 6 17.66 -1.20 19.69
CA ASP C 6 18.31 0.10 19.55
C ASP C 6 17.33 1.24 19.86
N PHE C 7 16.05 1.02 19.56
CA PHE C 7 15.01 2.02 19.79
C PHE C 7 13.75 1.34 20.27
N LEU C 8 12.93 2.07 21.02
CA LEU C 8 11.63 1.58 21.44
C LEU C 8 10.55 2.65 21.24
N PHE C 9 9.56 2.33 20.40
CA PHE C 9 8.49 3.27 20.09
C PHE C 9 7.17 2.76 20.63
N LYS C 10 6.39 3.69 21.19
CA LYS C 10 5.02 3.41 21.59
C LYS C 10 4.13 3.65 20.37
N PHE C 11 3.38 2.63 19.96
CA PHE C 11 2.48 2.72 18.79
C PHE C 11 1.03 2.57 19.23
N LEU C 12 0.15 3.28 18.54
CA LEU C 12 -1.28 3.14 18.70
C LEU C 12 -1.90 2.55 17.43
N VAL C 13 -2.96 1.77 17.60
CA VAL C 13 -3.82 1.42 16.48
C VAL C 13 -5.19 1.98 16.84
N ILE C 14 -5.64 2.98 16.08
CA ILE C 14 -6.89 3.70 16.40
C ILE C 14 -7.82 3.78 15.19
N GLY C 15 -9.13 3.91 15.44
CA GLY C 15 -10.12 3.99 14.36
C GLY C 15 -11.42 3.34 14.76
N ASN C 16 -12.46 3.51 13.94
CA ASN C 16 -13.79 3.01 14.30
C ASN C 16 -13.81 1.53 14.62
N ALA C 17 -14.76 1.13 15.44
CA ALA C 17 -15.00 -0.29 15.72
C ALA C 17 -15.25 -1.05 14.42
N GLY C 18 -14.67 -2.24 14.33
CA GLY C 18 -14.90 -3.14 13.22
C GLY C 18 -14.11 -2.83 11.96
N THR C 19 -13.15 -1.92 12.06
CA THR C 19 -12.33 -1.52 10.90
C THR C 19 -11.25 -2.54 10.53
N GLY C 20 -10.84 -3.35 11.51
CA GLY C 20 -9.84 -4.40 11.28
C GLY C 20 -8.57 -4.22 12.09
N LYS C 21 -8.64 -3.36 13.09
CA LYS C 21 -7.45 -2.99 13.88
C LYS C 21 -6.77 -4.20 14.54
N SER C 22 -7.56 -5.07 15.17
CA SER C 22 -7.00 -6.22 15.89
C SER C 22 -6.43 -7.25 14.90
N CYS C 23 -7.16 -7.47 13.82
CA CYS C 23 -6.68 -8.35 12.75
C CYS C 23 -5.41 -7.82 12.12
N LEU C 24 -5.31 -6.50 11.96
CA LEU C 24 -4.07 -5.89 11.48
C LEU C 24 -2.88 -6.19 12.41
N LEU C 25 -3.09 -6.04 13.72
CA LEU C 25 -2.02 -6.34 14.69
C LEU C 25 -1.65 -7.82 14.63
N HIS C 26 -2.67 -8.68 14.61
CA HIS C 26 -2.48 -10.14 14.56
C HIS C 26 -1.75 -10.56 13.29
N GLN C 27 -2.12 -9.96 12.16
CA GLN C 27 -1.45 -10.22 10.89
C GLN C 27 0.02 -9.83 10.95
N PHE C 28 0.30 -8.66 11.52
CA PHE C 28 1.65 -8.15 11.68
C PHE C 28 2.56 -9.12 12.44
N ILE C 29 2.07 -9.60 13.57
CA ILE C 29 2.87 -10.45 14.45
C ILE C 29 2.81 -11.94 14.06
N GLU C 30 1.63 -12.44 13.70
CA GLU C 30 1.47 -13.88 13.41
C GLU C 30 1.57 -14.24 11.93
N LYS C 31 1.52 -13.23 11.06
CA LYS C 31 1.50 -13.41 9.62
C LYS C 31 0.37 -14.36 9.18
N LYS C 32 -0.77 -14.23 9.86
CA LYS C 32 -1.95 -15.01 9.57
C LYS C 32 -3.17 -14.15 9.85
N PHE C 33 -4.23 -14.35 9.06
CA PHE C 33 -5.49 -13.71 9.35
C PHE C 33 -6.10 -14.38 10.57
N LYS C 34 -6.50 -13.55 11.54
CA LYS C 34 -7.06 -14.02 12.80
C LYS C 34 -8.47 -14.55 12.61
N ASP C 35 -8.71 -15.74 13.14
CA ASP C 35 -10.05 -16.34 13.14
C ASP C 35 -10.90 -15.72 14.26
N ASP C 36 -12.18 -15.47 13.95
CA ASP C 36 -13.15 -15.04 14.96
C ASP C 36 -12.64 -13.92 15.88
N SER C 37 -12.31 -12.78 15.27
CA SER C 37 -11.89 -11.60 16.02
C SER C 37 -13.10 -10.96 16.69
N ASN C 38 -13.08 -10.91 18.01
CA ASN C 38 -14.13 -10.24 18.80
C ASN C 38 -13.77 -8.78 19.02
N HIS C 39 -14.78 -7.92 19.17
CA HIS C 39 -14.60 -6.51 19.51
C HIS C 39 -13.71 -6.36 20.75
N THR C 40 -12.74 -5.44 20.68
CA THR C 40 -11.76 -5.25 21.75
C THR C 40 -12.39 -4.57 22.96
N ILE C 41 -12.10 -5.12 24.14
CA ILE C 41 -12.52 -4.55 25.39
C ILE C 41 -11.38 -3.74 25.98
N GLY C 42 -11.51 -2.41 25.93
CA GLY C 42 -10.45 -1.52 26.34
C GLY C 42 -9.36 -1.45 25.29
N VAL C 43 -8.14 -1.79 25.70
CA VAL C 43 -7.00 -1.74 24.82
C VAL C 43 -6.20 -3.04 24.93
N GLU C 44 -5.85 -3.60 23.76
CA GLU C 44 -5.01 -4.79 23.71
C GLU C 44 -3.56 -4.44 23.34
N PHE C 45 -2.68 -5.43 23.41
CA PHE C 45 -1.25 -5.19 23.32
C PHE C 45 -0.55 -6.16 22.38
N GLY C 46 0.51 -5.68 21.75
CA GLY C 46 1.35 -6.50 20.90
C GLY C 46 2.76 -5.97 20.94
N SER C 47 3.73 -6.86 20.80
CA SER C 47 5.13 -6.49 20.85
C SER C 47 5.85 -7.08 19.67
N LYS C 48 6.70 -6.29 19.02
CA LYS C 48 7.49 -6.79 17.89
C LYS C 48 8.73 -5.94 17.65
N ILE C 49 9.83 -6.62 17.35
CA ILE C 49 11.08 -5.96 16.99
C ILE C 49 11.22 -6.06 15.47
N ILE C 50 11.42 -4.92 14.84
CA ILE C 50 11.69 -4.86 13.40
C ILE C 50 13.12 -4.35 13.15
N ASN C 51 13.71 -4.78 12.04
CA ASN C 51 15.02 -4.30 11.62
C ASN C 51 14.85 -3.17 10.61
N VAL C 52 15.38 -2.01 10.96
CA VAL C 52 15.28 -0.84 10.10
C VAL C 52 16.69 -0.26 9.87
N GLY C 53 17.27 -0.61 8.72
CA GLY C 53 18.62 -0.16 8.35
C GLY C 53 19.68 -0.55 9.36
N GLY C 54 19.64 -1.80 9.82
CA GLY C 54 20.58 -2.30 10.81
C GLY C 54 20.18 -1.99 12.24
N LYS C 55 19.18 -1.12 12.40
CA LYS C 55 18.67 -0.73 13.71
C LYS C 55 17.47 -1.57 14.13
N TYR C 56 17.57 -2.17 15.31
CA TYR C 56 16.47 -2.96 15.86
C TYR C 56 15.52 -2.06 16.64
N VAL C 57 14.27 -2.00 16.16
CA VAL C 57 13.26 -1.13 16.75
C VAL C 57 12.18 -1.97 17.41
N LYS C 58 12.07 -1.87 18.73
CA LYS C 58 10.98 -2.52 19.42
C LYS C 58 9.74 -1.65 19.37
N LEU C 59 8.64 -2.26 18.95
CA LEU C 59 7.36 -1.57 18.89
C LEU C 59 6.47 -2.12 19.98
N GLN C 60 6.06 -1.22 20.87
CA GLN C 60 5.09 -1.57 21.88
C GLN C 60 3.76 -0.99 21.42
N ILE C 61 2.88 -1.89 21.00
CA ILE C 61 1.71 -1.54 20.21
C ILE C 61 0.45 -1.66 21.04
N TRP C 62 -0.30 -0.57 21.09
CA TRP C 62 -1.57 -0.54 21.78
C TRP C 62 -2.72 -0.55 20.78
N ASP C 63 -3.45 -1.66 20.78
CA ASP C 63 -4.57 -1.92 19.90
C ASP C 63 -5.83 -1.48 20.64
N THR C 64 -6.29 -0.27 20.31
CA THR C 64 -7.40 0.37 21.02
C THR C 64 -8.76 -0.11 20.53
N ALA C 65 -9.73 -0.11 21.45
CA ALA C 65 -11.13 -0.36 21.12
C ALA C 65 -11.70 0.80 20.30
N GLY C 66 -12.52 0.46 19.31
CA GLY C 66 -13.21 1.47 18.51
C GLY C 66 -14.60 1.79 19.04
N LEU C 67 -15.17 0.87 19.83
CA LEU C 67 -16.47 1.08 20.46
C LEU C 67 -16.43 2.30 21.36
N GLU C 68 -17.44 3.15 21.23
CA GLU C 68 -17.50 4.45 21.91
C GLU C 68 -17.44 4.41 23.44
N ARG C 69 -17.95 3.34 24.05
CA ARG C 69 -17.93 3.22 25.52
C ARG C 69 -16.52 3.14 26.10
N PHE C 70 -15.55 2.75 25.28
CA PHE C 70 -14.15 2.61 25.72
C PHE C 70 -13.30 3.81 25.35
N ARG C 71 -13.91 4.82 24.75
CA ARG C 71 -13.19 5.97 24.21
C ARG C 71 -12.25 6.68 25.20
N SER C 72 -12.76 7.05 26.38
CA SER C 72 -11.93 7.76 27.36
C SER C 72 -10.79 6.88 27.85
N VAL C 73 -11.04 5.57 28.01
CA VAL C 73 -9.99 4.62 28.40
C VAL C 73 -8.89 4.53 27.34
N THR C 74 -9.28 4.39 26.08
CA THR C 74 -8.31 4.32 24.98
C THR C 74 -7.42 5.56 24.90
N ARG C 75 -7.97 6.72 25.26
CA ARG C 75 -7.23 7.99 25.23
C ARG C 75 -6.11 8.08 26.27
N SER C 76 -6.22 7.29 27.33
CA SER C 76 -5.16 7.20 28.34
C SER C 76 -3.86 6.63 27.75
N TYR C 77 -3.95 6.05 26.55
CA TYR C 77 -2.80 5.45 25.89
C TYR C 77 -2.07 6.36 24.90
N TYR C 78 -2.66 7.50 24.56
CA TYR C 78 -2.09 8.36 23.53
C TYR C 78 -0.81 9.03 23.98
N ARG C 79 -0.78 9.48 25.24
CA ARG C 79 0.38 10.17 25.80
C ARG C 79 1.68 9.47 25.46
N GLY C 80 2.63 10.22 24.89
CA GLY C 80 3.95 9.68 24.56
C GLY C 80 3.99 8.69 23.40
N ALA C 81 2.89 8.56 22.65
CA ALA C 81 2.87 7.70 21.47
C ALA C 81 3.60 8.38 20.33
N ALA C 82 4.55 7.65 19.74
CA ALA C 82 5.38 8.16 18.65
C ALA C 82 4.77 7.87 17.27
N GLY C 83 3.99 6.80 17.19
CA GLY C 83 3.30 6.44 15.96
C GLY C 83 1.88 5.99 16.17
N ALA C 84 1.07 6.12 15.11
CA ALA C 84 -0.29 5.65 15.13
C ALA C 84 -0.67 5.10 13.76
N LEU C 85 -1.27 3.92 13.76
CA LEU C 85 -1.99 3.44 12.57
C LEU C 85 -3.41 3.90 12.75
N LEU C 86 -3.85 4.77 11.87
CA LEU C 86 -5.23 5.25 11.87
C LEU C 86 -5.99 4.45 10.82
N VAL C 87 -6.99 3.69 11.26
CA VAL C 87 -7.60 2.67 10.41
C VAL C 87 -9.06 2.98 10.06
N TYR C 88 -9.41 2.84 8.79
CA TYR C 88 -10.82 2.77 8.38
C TYR C 88 -11.06 1.53 7.50
N ASP C 89 -12.35 1.26 7.25
CA ASP C 89 -12.80 0.13 6.44
C ASP C 89 -13.23 0.72 5.09
N ILE C 90 -12.62 0.27 3.98
CA ILE C 90 -12.95 0.81 2.64
C ILE C 90 -14.40 0.50 2.19
N THR C 91 -15.06 -0.40 2.90
CA THR C 91 -16.43 -0.79 2.60
C THR C 91 -17.46 -0.02 3.42
N SER C 92 -16.99 0.81 4.35
CA SER C 92 -17.86 1.53 5.27
C SER C 92 -17.50 3.01 5.33
N ARG C 93 -18.29 3.82 4.62
CA ARG C 93 -18.07 5.26 4.52
C ARG C 93 -18.03 5.97 5.88
N GLU C 94 -18.85 5.48 6.80
CA GLU C 94 -18.91 5.97 8.19
C GLU C 94 -17.52 6.00 8.84
N THR C 95 -16.77 4.92 8.67
CA THR C 95 -15.44 4.79 9.28
C THR C 95 -14.46 5.78 8.67
N TYR C 96 -14.70 6.12 7.41
CA TYR C 96 -13.91 7.11 6.69
C TYR C 96 -14.24 8.55 7.13
N ASN C 97 -15.53 8.83 7.34
CA ASN C 97 -15.98 10.14 7.81
C ASN C 97 -15.49 10.51 9.21
N ALA C 98 -15.06 9.49 9.97
CA ALA C 98 -14.57 9.69 11.34
C ALA C 98 -13.10 10.11 11.43
N LEU C 99 -12.39 10.08 10.32
CA LEU C 99 -10.93 10.25 10.30
C LEU C 99 -10.42 11.59 10.82
N THR C 100 -11.09 12.67 10.43
CA THR C 100 -10.71 13.99 10.91
C THR C 100 -10.73 14.04 12.44
N ASN C 101 -11.80 13.52 13.02
CA ASN C 101 -11.90 13.46 14.49
C ASN C 101 -10.78 12.65 15.14
N TRP C 102 -10.48 11.49 14.56
CA TRP C 102 -9.39 10.62 15.03
C TRP C 102 -8.02 11.26 14.97
N LEU C 103 -7.67 11.85 13.82
CA LEU C 103 -6.34 12.44 13.68
C LEU C 103 -6.15 13.69 14.56
N THR C 104 -7.24 14.42 14.79
CA THR C 104 -7.25 15.58 15.68
C THR C 104 -6.94 15.13 17.11
N ASP C 105 -7.63 14.07 17.55
CA ASP C 105 -7.40 13.49 18.89
C ASP C 105 -5.98 12.99 19.02
N ALA C 106 -5.49 12.30 17.99
CA ALA C 106 -4.15 11.75 18.01
C ALA C 106 -3.10 12.85 18.23
N ARG C 107 -3.22 13.94 17.49
CA ARG C 107 -2.25 15.04 17.58
C ARG C 107 -2.36 15.87 18.86
N MET C 108 -3.56 15.92 19.42
CA MET C 108 -3.77 16.65 20.66
C MET C 108 -3.35 15.87 21.90
N LEU C 109 -3.63 14.56 21.89
CA LEU C 109 -3.43 13.72 23.07
C LEU C 109 -2.09 13.00 23.12
N ALA C 110 -1.52 12.69 21.95
CA ALA C 110 -0.13 12.30 21.91
C ALA C 110 0.68 13.59 21.83
N SER C 111 1.01 13.99 20.60
CA SER C 111 1.64 15.28 20.34
C SER C 111 1.48 15.57 18.85
N GLN C 112 1.71 16.82 18.46
CA GLN C 112 1.67 17.17 17.04
C GLN C 112 2.82 16.51 16.28
N ASN C 113 3.72 15.87 17.03
CA ASN C 113 4.87 15.17 16.45
C ASN C 113 4.64 13.68 16.18
N ILE C 114 3.44 13.20 16.47
CA ILE C 114 3.10 11.81 16.19
C ILE C 114 3.10 11.54 14.69
N VAL C 115 3.66 10.41 14.29
CA VAL C 115 3.59 9.96 12.89
C VAL C 115 2.35 9.11 12.69
N ILE C 116 1.44 9.59 11.84
CA ILE C 116 0.20 8.87 11.56
C ILE C 116 0.25 8.26 10.16
N ILE C 117 0.02 6.95 10.08
CA ILE C 117 -0.21 6.29 8.80
C ILE C 117 -1.68 5.88 8.69
N LEU C 118 -2.34 6.43 7.67
CA LEU C 118 -3.72 6.07 7.37
C LEU C 118 -3.73 4.69 6.72
N CYS C 119 -4.58 3.81 7.25
CA CYS C 119 -4.72 2.46 6.71
C CYS C 119 -6.13 2.25 6.19
N GLY C 120 -6.27 2.22 4.87
CA GLY C 120 -7.56 1.87 4.26
C GLY C 120 -7.71 0.36 4.25
N ASN C 121 -8.30 -0.19 5.30
CA ASN C 121 -8.30 -1.63 5.48
C ASN C 121 -9.45 -2.37 4.79
N LYS C 122 -9.27 -3.68 4.61
CA LYS C 122 -10.23 -4.59 3.98
C LYS C 122 -10.26 -4.42 2.47
N LYS C 123 -9.10 -4.09 1.88
CA LYS C 123 -9.00 -3.85 0.44
C LYS C 123 -9.25 -5.11 -0.39
N ASP C 124 -9.20 -6.28 0.24
CA ASP C 124 -9.60 -7.53 -0.41
C ASP C 124 -11.10 -7.51 -0.77
N LEU C 125 -11.87 -6.74 0.00
CA LEU C 125 -13.32 -6.60 -0.22
C LEU C 125 -13.66 -5.44 -1.17
N ASP C 126 -12.80 -5.23 -2.17
CA ASP C 126 -12.94 -4.14 -3.15
C ASP C 126 -14.27 -4.15 -3.92
N ALA C 127 -14.88 -5.34 -4.04
CA ALA C 127 -16.21 -5.47 -4.64
C ALA C 127 -17.26 -4.67 -3.87
N ASP C 128 -17.04 -4.53 -2.57
CA ASP C 128 -18.00 -3.87 -1.69
C ASP C 128 -17.51 -2.48 -1.27
N ARG C 129 -16.52 -1.97 -2.00
CA ARG C 129 -15.91 -0.68 -1.75
C ARG C 129 -16.93 0.47 -1.71
N GLU C 130 -16.74 1.38 -0.75
CA GLU C 130 -17.57 2.58 -0.59
C GLU C 130 -16.74 3.84 -0.42
N VAL C 131 -15.43 3.65 -0.32
CA VAL C 131 -14.47 4.76 -0.24
C VAL C 131 -13.46 4.53 -1.34
N THR C 132 -13.21 5.54 -2.18
CA THR C 132 -12.25 5.38 -3.27
C THR C 132 -10.81 5.56 -2.77
N PHE C 133 -9.86 4.97 -3.50
CA PHE C 133 -8.44 5.10 -3.18
C PHE C 133 -7.99 6.53 -3.45
N LEU C 134 -8.55 7.11 -4.51
CA LEU C 134 -8.23 8.49 -4.87
C LEU C 134 -8.63 9.51 -3.80
N GLU C 135 -9.86 9.44 -3.30
CA GLU C 135 -10.29 10.41 -2.27
C GLU C 135 -9.45 10.29 -0.99
N ALA C 136 -9.17 9.06 -0.57
CA ALA C 136 -8.41 8.84 0.67
C ALA C 136 -6.98 9.35 0.53
N SER C 137 -6.36 9.11 -0.63
CA SER C 137 -5.00 9.57 -0.92
C SER C 137 -4.91 11.09 -0.85
N ARG C 138 -5.94 11.74 -1.37
CA ARG C 138 -6.03 13.19 -1.35
C ARG C 138 -6.25 13.68 0.08
N PHE C 139 -7.06 12.94 0.82
CA PHE C 139 -7.32 13.24 2.24
C PHE C 139 -6.03 13.13 3.07
N ALA C 140 -5.31 12.03 2.91
CA ALA C 140 -4.03 11.82 3.60
C ALA C 140 -3.03 12.91 3.27
N GLN C 141 -2.96 13.28 1.99
CA GLN C 141 -2.08 14.35 1.55
C GLN C 141 -2.44 15.67 2.25
N GLU C 142 -3.72 16.01 2.25
CA GLU C 142 -4.23 17.24 2.85
C GLU C 142 -3.90 17.31 4.36
N ASN C 143 -4.01 16.16 5.01
CA ASN C 143 -3.89 16.08 6.48
C ASN C 143 -2.54 15.55 6.99
N GLU C 144 -1.53 15.59 6.11
CA GLU C 144 -0.16 15.15 6.40
C GLU C 144 -0.10 13.76 7.04
N LEU C 145 -0.85 12.83 6.46
CA LEU C 145 -0.83 11.43 6.88
C LEU C 145 -0.16 10.60 5.79
N MET C 146 0.59 9.58 6.18
CA MET C 146 1.01 8.53 5.25
C MET C 146 -0.23 7.72 4.91
N PHE C 147 -0.26 7.02 3.77
CA PHE C 147 -1.45 6.24 3.41
C PHE C 147 -1.11 4.93 2.73
N LEU C 148 -1.78 3.87 3.20
CA LEU C 148 -1.78 2.57 2.55
C LEU C 148 -3.15 1.92 2.67
N GLU C 149 -3.60 1.32 1.58
CA GLU C 149 -4.70 0.39 1.68
C GLU C 149 -4.11 -0.95 2.08
N THR C 150 -4.78 -1.61 3.02
CA THR C 150 -4.25 -2.83 3.59
C THR C 150 -5.32 -3.91 3.59
N SER C 151 -4.87 -5.15 3.67
CA SER C 151 -5.75 -6.26 3.96
C SER C 151 -5.13 -7.06 5.08
N ALA C 152 -5.81 -7.10 6.22
CA ALA C 152 -5.40 -8.00 7.31
C ALA C 152 -5.63 -9.46 6.91
N LEU C 153 -6.54 -9.69 5.96
CA LEU C 153 -6.80 -11.03 5.42
C LEU C 153 -5.63 -11.58 4.60
N THR C 154 -5.21 -10.84 3.57
CA THR C 154 -4.15 -11.30 2.66
C THR C 154 -2.76 -10.92 3.16
N GLY C 155 -2.71 -9.99 4.11
CA GLY C 155 -1.43 -9.49 4.61
C GLY C 155 -0.90 -8.32 3.81
N GLU C 156 -1.61 -7.95 2.74
CA GLU C 156 -1.12 -6.92 1.83
C GLU C 156 -0.94 -5.60 2.57
N ASP C 157 0.29 -5.09 2.53
CA ASP C 157 0.67 -3.79 3.10
C ASP C 157 0.61 -3.68 4.63
N VAL C 158 0.42 -4.82 5.31
CA VAL C 158 0.31 -4.83 6.77
C VAL C 158 1.69 -4.62 7.40
N GLU C 159 2.64 -5.49 7.05
CA GLU C 159 4.03 -5.30 7.49
C GLU C 159 4.52 -3.91 7.13
N GLU C 160 4.20 -3.50 5.90
CA GLU C 160 4.62 -2.21 5.37
C GLU C 160 4.08 -1.00 6.15
N ALA C 161 2.83 -1.05 6.62
CA ALA C 161 2.25 0.07 7.37
C ALA C 161 3.05 0.31 8.67
N PHE C 162 3.29 -0.75 9.42
CA PHE C 162 4.08 -0.63 10.66
C PHE C 162 5.51 -0.20 10.39
N VAL C 163 6.16 -0.82 9.39
CA VAL C 163 7.56 -0.51 9.10
C VAL C 163 7.74 0.93 8.60
N GLN C 164 6.87 1.37 7.70
CA GLN C 164 6.98 2.73 7.19
C GLN C 164 6.73 3.78 8.29
N CYS C 165 5.78 3.50 9.18
CA CYS C 165 5.53 4.39 10.31
C CYS C 165 6.81 4.52 11.14
N ALA C 166 7.42 3.38 11.44
CA ALA C 166 8.65 3.34 12.23
C ALA C 166 9.82 4.03 11.52
N ARG C 167 9.93 3.83 10.21
CA ARG C 167 11.01 4.48 9.41
C ARG C 167 10.86 5.99 9.42
N LYS C 168 9.63 6.47 9.27
CA LYS C 168 9.33 7.91 9.33
C LYS C 168 9.69 8.52 10.70
N ILE C 169 9.32 7.85 11.79
CA ILE C 169 9.72 8.27 13.15
C ILE C 169 11.24 8.31 13.30
N LEU C 170 11.92 7.24 12.86
CA LEU C 170 13.38 7.16 12.91
C LEU C 170 14.09 8.22 12.08
N ASN C 171 13.45 8.65 10.99
CA ASN C 171 14.06 9.63 10.09
C ASN C 171 13.74 11.09 10.42
N LYS C 172 12.83 11.31 11.37
CA LYS C 172 12.37 12.67 11.75
C LYS C 172 13.48 13.72 11.84
N GLU D 7 10.81 -11.98 17.39
CA GLU D 7 10.36 -11.98 18.81
C GLU D 7 8.98 -11.34 18.98
N GLY D 8 8.04 -11.71 18.11
CA GLY D 8 6.66 -11.24 18.22
C GLY D 8 5.97 -11.81 19.43
N TRP D 9 5.16 -11.00 20.10
CA TRP D 9 4.36 -11.48 21.22
C TRP D 9 3.01 -10.80 21.27
N LEU D 10 1.98 -11.62 21.48
CA LEU D 10 0.62 -11.17 21.70
C LEU D 10 0.05 -11.91 22.91
N PRO D 11 -0.44 -11.17 23.92
CA PRO D 11 -1.18 -11.81 25.01
C PRO D 11 -2.38 -12.58 24.47
N LEU D 12 -2.95 -13.47 25.28
CA LEU D 12 -4.09 -14.27 24.85
C LEU D 12 -5.30 -13.40 24.51
N SER D 13 -6.09 -13.85 23.54
CA SER D 13 -7.40 -13.26 23.28
C SER D 13 -8.35 -13.58 24.44
N GLY D 14 -8.07 -14.69 25.14
CA GLY D 14 -8.83 -15.11 26.32
C GLY D 14 -7.95 -15.43 27.52
N GLY D 15 -7.39 -14.39 28.13
CA GLY D 15 -6.58 -14.51 29.34
C GLY D 15 -7.05 -13.54 30.42
N GLN D 16 -7.87 -12.57 30.01
CA GLN D 16 -8.49 -11.61 30.91
C GLN D 16 -10.02 -11.80 30.89
N GLY D 17 -10.60 -11.91 32.09
CA GLY D 17 -12.03 -12.20 32.29
C GLY D 17 -13.01 -11.81 31.19
N GLN D 18 -13.81 -12.78 30.77
CA GLN D 18 -14.83 -12.59 29.73
C GLN D 18 -15.98 -11.70 30.20
N SER D 19 -16.17 -11.67 31.53
CA SER D 19 -17.07 -10.72 32.16
C SER D 19 -16.50 -9.31 32.02
N GLU D 20 -17.38 -8.32 31.82
CA GLU D 20 -16.97 -6.94 31.61
C GLU D 20 -17.44 -6.05 32.74
N ASP D 21 -16.48 -5.52 33.49
CA ASP D 21 -16.74 -4.58 34.59
C ASP D 21 -17.44 -3.33 34.04
N SER D 22 -18.51 -2.91 34.73
CA SER D 22 -19.28 -1.72 34.36
C SER D 22 -18.39 -0.49 34.24
N ASP D 23 -17.33 -0.45 35.03
CA ASP D 23 -16.30 0.57 34.96
C ASP D 23 -15.25 0.13 33.93
N PRO D 24 -15.15 0.84 32.78
CA PRO D 24 -14.24 0.42 31.71
C PRO D 24 -12.76 0.60 32.10
N LEU D 25 -12.48 1.54 32.98
CA LEU D 25 -11.13 1.74 33.51
C LEU D 25 -10.71 0.59 34.42
N LEU D 26 -11.64 0.13 35.28
CA LEU D 26 -11.35 -1.00 36.16
C LEU D 26 -11.18 -2.27 35.34
N GLN D 27 -11.99 -2.45 34.30
CA GLN D 27 -11.83 -3.57 33.39
C GLN D 27 -10.46 -3.55 32.69
N GLN D 28 -10.04 -2.38 32.24
CA GLN D 28 -8.74 -2.25 31.57
C GLN D 28 -7.57 -2.54 32.52
N ILE D 29 -7.71 -2.13 33.77
CA ILE D 29 -6.73 -2.48 34.81
C ILE D 29 -6.59 -4.00 34.94
N HIS D 30 -7.72 -4.71 34.96
CA HIS D 30 -7.73 -6.18 35.00
C HIS D 30 -7.05 -6.79 33.77
N ASN D 31 -7.33 -6.24 32.60
CA ASN D 31 -6.70 -6.70 31.36
C ASN D 31 -5.19 -6.55 31.38
N ILE D 32 -4.70 -5.37 31.75
CA ILE D 32 -3.27 -5.10 31.79
C ILE D 32 -2.56 -5.97 32.85
N THR D 33 -3.24 -6.21 33.96
CA THR D 33 -2.70 -7.06 35.03
C THR D 33 -2.53 -8.50 34.51
N SER D 34 -3.51 -8.96 33.74
CA SER D 34 -3.44 -10.26 33.08
C SER D 34 -2.31 -10.35 32.04
N PHE D 35 -2.16 -9.29 31.24
CA PHE D 35 -1.05 -9.23 30.27
C PHE D 35 0.29 -9.31 30.99
N ILE D 36 0.35 -8.71 32.17
CA ILE D 36 1.56 -8.69 32.97
C ILE D 36 1.91 -10.10 33.44
N ARG D 37 0.91 -10.83 33.95
CA ARG D 37 1.10 -12.22 34.38
C ARG D 37 1.58 -13.08 33.23
N GLN D 38 1.03 -12.80 32.04
CA GLN D 38 1.38 -13.55 30.84
C GLN D 38 2.79 -13.23 30.42
N ALA D 39 3.15 -11.94 30.44
CA ALA D 39 4.51 -11.49 30.10
C ALA D 39 5.56 -12.03 31.08
N LYS D 40 5.23 -12.08 32.37
CA LYS D 40 6.14 -12.64 33.36
C LYS D 40 6.38 -14.12 33.10
N ALA D 41 5.30 -14.87 32.91
CA ALA D 41 5.36 -16.29 32.58
C ALA D 41 6.19 -16.55 31.32
N ALA D 42 6.19 -15.59 30.39
CA ALA D 42 6.94 -15.67 29.14
C ALA D 42 8.40 -15.32 29.27
N GLY D 43 8.82 -14.86 30.46
CA GLY D 43 10.18 -14.35 30.66
C GLY D 43 10.47 -13.12 29.81
N ARG D 44 9.41 -12.37 29.51
CA ARG D 44 9.51 -11.18 28.66
C ARG D 44 9.54 -9.93 29.53
N MET D 45 10.73 -9.61 30.04
CA MET D 45 10.85 -8.56 31.06
C MET D 45 10.69 -7.13 30.53
N ASP D 46 11.09 -6.89 29.27
CA ASP D 46 10.82 -5.59 28.63
C ASP D 46 9.33 -5.32 28.53
N GLU D 47 8.57 -6.37 28.21
CA GLU D 47 7.12 -6.22 28.07
C GLU D 47 6.49 -6.05 29.44
N VAL D 48 6.99 -6.81 30.42
CA VAL D 48 6.60 -6.61 31.81
C VAL D 48 6.74 -5.13 32.20
N ARG D 49 7.93 -4.56 31.98
CA ARG D 49 8.17 -3.15 32.30
C ARG D 49 7.20 -2.22 31.56
N THR D 50 7.00 -2.47 30.26
CA THR D 50 6.04 -1.69 29.47
C THR D 50 4.62 -1.72 30.04
N LEU D 51 4.17 -2.92 30.38
CA LEU D 51 2.83 -3.12 30.89
C LEU D 51 2.67 -2.56 32.30
N GLN D 52 3.68 -2.75 33.16
CA GLN D 52 3.65 -2.19 34.52
C GLN D 52 3.64 -0.66 34.53
N GLU D 53 4.42 -0.06 33.64
CA GLU D 53 4.43 1.38 33.46
C GLU D 53 3.02 1.88 33.10
N ASN D 54 2.35 1.17 32.20
CA ASN D 54 0.96 1.46 31.86
C ASN D 54 0.00 1.24 33.03
N LEU D 55 0.17 0.13 33.75
CA LEU D 55 -0.71 -0.16 34.88
C LEU D 55 -0.62 0.93 35.95
N ARG D 56 0.59 1.42 36.21
CA ARG D 56 0.78 2.50 37.18
C ARG D 56 -0.02 3.74 36.79
N GLN D 57 0.06 4.10 35.51
CA GLN D 57 -0.71 5.22 34.96
C GLN D 57 -2.20 5.04 35.22
N LEU D 58 -2.73 3.87 34.87
CA LEU D 58 -4.15 3.56 35.02
C LEU D 58 -4.59 3.55 36.48
N GLN D 59 -3.72 3.04 37.35
CA GLN D 59 -3.96 3.00 38.79
C GLN D 59 -4.08 4.40 39.40
N ASP D 60 -3.16 5.28 39.05
CA ASP D 60 -3.22 6.71 39.42
C ASP D 60 -4.52 7.38 39.01
N GLU D 61 -4.95 7.14 37.76
CA GLU D 61 -6.19 7.71 37.24
C GLU D 61 -7.40 7.17 37.97
N TYR D 62 -7.40 5.86 38.23
CA TYR D 62 -8.48 5.21 38.98
C TYR D 62 -8.59 5.74 40.41
N ASP D 63 -7.46 5.98 41.06
CA ASP D 63 -7.39 6.61 42.38
C ASP D 63 -8.05 7.99 42.36
N GLN D 64 -7.72 8.77 41.33
CA GLN D 64 -8.24 10.13 41.14
C GLN D 64 -9.75 10.14 40.98
N GLN D 65 -10.26 9.22 40.15
CA GLN D 65 -11.70 9.08 39.91
C GLN D 65 -12.44 8.70 41.18
N GLN D 66 -11.77 7.91 42.03
CA GLN D 66 -12.35 7.43 43.27
C GLN D 66 -12.33 8.47 44.39
N THR D 67 -11.36 9.39 44.34
CA THR D 67 -11.26 10.48 45.31
C THR D 67 -12.46 11.44 45.19
#